data_7C42
#
_entry.id   7C42
#
_cell.length_a   50.929
_cell.length_b   77.451
_cell.length_c   101.544
_cell.angle_alpha   90.000
_cell.angle_beta   90.000
_cell.angle_gamma   90.000
#
_symmetry.space_group_name_H-M   'P 21 21 21'
#
loop_
_entity.id
_entity.type
_entity.pdbx_description
1 polymer 'CCHC-type domain-containing protein'
2 non-polymer 'ZINC ION'
3 water water
#
_entity_poly.entity_id   1
_entity_poly.type   'polypeptide(L)'
_entity_poly.pdbx_seq_one_letter_code
;TSSATSSSS(MSE)ILKYPYRVVDTHEKLKEAVTSLQGARSIALDIEAFCTTDQAKQLGRISLVQACSDAKPVVFLFDVL
TLTPDVFVKD(MSE)QSLLSDREIRKLFFDCRRDVEALSCQLGVKPEGVLDLQVFFTAIQWKLRSVNRRSG(MSE)GYVL
KSVAGLTRQEGDSAVQTA(MSE)TLGNRPVWDIRPLPDHFLEYAAGDVRHILLLSNYLVGNKDVPVDVVAVERLTAQYVE
HYAVGKPVITEADATPAEVNRAWLERYIGPGGGCHFCGAKGHTEAECFKKQNGKAKCSFCGEVGHTARNCFKKHPQLLTC
EKCGQLGHTGTSCFRTNPCKHCGGPHSSANCHKVIWQQKRLGENSLH
;
_entity_poly.pdbx_strand_id   A
#
loop_
_chem_comp.id
_chem_comp.type
_chem_comp.name
_chem_comp.formula
ZN non-polymer 'ZINC ION' 'Zn 2'
#
# COMPACT_ATOMS: atom_id res chain seq x y z
N MSE A 10 10.92 12.32 -7.35
CA MSE A 10 10.19 13.56 -7.60
C MSE A 10 8.88 13.64 -6.77
O MSE A 10 8.59 14.65 -6.13
CB MSE A 10 9.88 13.71 -9.09
CG MSE A 10 8.85 14.79 -9.42
SE MSE A 10 9.12 15.65 -11.15
CE MSE A 10 7.29 16.13 -11.59
N ILE A 11 8.11 12.55 -6.81
CA ILE A 11 6.90 12.48 -5.99
C ILE A 11 7.25 12.64 -4.52
N LEU A 12 8.41 12.14 -4.11
CA LEU A 12 8.85 12.25 -2.73
C LEU A 12 9.07 13.70 -2.28
N LYS A 13 9.13 14.64 -3.21
CA LYS A 13 9.40 16.03 -2.90
C LYS A 13 8.18 16.92 -3.01
N TYR A 14 7.03 16.37 -3.40
CA TYR A 14 5.79 17.13 -3.40
C TYR A 14 5.60 17.79 -2.04
N PRO A 15 5.38 19.10 -1.99
CA PRO A 15 5.07 19.75 -0.71
C PRO A 15 3.63 19.47 -0.32
N TYR A 16 3.32 19.67 0.94
CA TYR A 16 1.94 19.58 1.37
C TYR A 16 1.31 20.97 1.41
N ARG A 17 -0.02 20.98 1.32
CA ARG A 17 -0.83 22.18 1.46
C ARG A 17 -1.98 21.81 2.38
N VAL A 18 -2.14 22.56 3.46
CA VAL A 18 -3.24 22.34 4.40
C VAL A 18 -4.52 22.90 3.80
N VAL A 19 -5.56 22.08 3.75
CA VAL A 19 -6.86 22.48 3.21
C VAL A 19 -7.81 22.58 4.39
N ASP A 20 -8.06 23.81 4.87
CA ASP A 20 -8.91 23.99 6.04
C ASP A 20 -9.92 25.11 5.87
N THR A 21 -10.13 25.60 4.66
CA THR A 21 -11.18 26.56 4.38
C THR A 21 -12.02 26.03 3.23
N HIS A 22 -13.23 26.59 3.10
CA HIS A 22 -14.10 26.19 2.00
C HIS A 22 -13.49 26.59 0.66
N GLU A 23 -12.81 27.74 0.61
CA GLU A 23 -12.18 28.16 -0.64
C GLU A 23 -11.06 27.22 -1.03
N LYS A 24 -10.19 26.88 -0.07
CA LYS A 24 -9.11 25.93 -0.35
C LYS A 24 -9.65 24.55 -0.71
N LEU A 25 -10.78 24.15 -0.12
CA LEU A 25 -11.38 22.86 -0.43
C LEU A 25 -11.85 22.81 -1.88
N LYS A 26 -12.50 23.87 -2.35
CA LYS A 26 -12.96 23.90 -3.73
C LYS A 26 -11.77 23.85 -4.70
N GLU A 27 -10.69 24.57 -4.39
CA GLU A 27 -9.53 24.53 -5.27
C GLU A 27 -8.92 23.15 -5.31
N ALA A 28 -8.87 22.48 -4.15
CA ALA A 28 -8.27 21.15 -4.12
C ALA A 28 -9.12 20.16 -4.90
N VAL A 29 -10.45 20.23 -4.72
CA VAL A 29 -11.36 19.34 -5.46
C VAL A 29 -11.20 19.54 -6.97
N THR A 30 -11.11 20.80 -7.41
CA THR A 30 -10.87 21.07 -8.82
C THR A 30 -9.62 20.37 -9.33
N SER A 31 -8.54 20.42 -8.56
CA SER A 31 -7.33 19.71 -8.96
C SER A 31 -7.57 18.21 -9.03
N LEU A 32 -8.17 17.64 -8.00
CA LEU A 32 -8.31 16.18 -7.91
C LEU A 32 -9.24 15.63 -8.99
N GLN A 33 -10.23 16.42 -9.40
CA GLN A 33 -11.14 16.02 -10.46
C GLN A 33 -10.43 15.80 -11.79
N GLY A 34 -9.24 16.37 -11.96
CA GLY A 34 -8.48 16.19 -13.18
C GLY A 34 -7.54 15.00 -13.17
N ALA A 35 -7.49 14.26 -12.06
CA ALA A 35 -6.55 13.16 -11.91
C ALA A 35 -7.06 11.87 -12.52
N ARG A 36 -6.12 10.98 -12.83
CA ARG A 36 -6.42 9.60 -13.16
C ARG A 36 -6.32 8.69 -11.94
N SER A 37 -5.45 9.03 -10.98
CA SER A 37 -5.23 8.27 -9.76
C SER A 37 -5.04 9.24 -8.60
N ILE A 38 -5.58 8.90 -7.44
CA ILE A 38 -5.45 9.69 -6.22
C ILE A 38 -5.04 8.75 -5.09
N ALA A 39 -3.86 8.95 -4.53
CA ALA A 39 -3.47 8.21 -3.34
C ALA A 39 -4.17 8.81 -2.13
N LEU A 40 -4.71 7.94 -1.26
CA LEU A 40 -5.48 8.39 -0.10
C LEU A 40 -4.95 7.80 1.20
N ASP A 41 -5.14 8.53 2.30
CA ASP A 41 -4.74 8.11 3.64
C ASP A 41 -5.57 8.93 4.64
N ILE A 42 -5.49 8.53 5.92
CA ILE A 42 -6.31 9.11 7.00
C ILE A 42 -5.47 9.20 8.27
N GLU A 43 -5.64 10.29 9.01
CA GLU A 43 -5.18 10.34 10.39
C GLU A 43 -6.41 10.47 11.29
N ALA A 44 -6.54 9.55 12.26
CA ALA A 44 -7.70 9.50 13.14
C ALA A 44 -7.26 9.68 14.59
N PHE A 45 -8.20 10.15 15.44
CA PHE A 45 -7.95 10.22 16.88
C PHE A 45 -7.57 8.85 17.41
N CYS A 46 -6.52 8.80 18.23
CA CYS A 46 -6.20 7.56 18.93
C CYS A 46 -7.32 7.23 19.90
N THR A 47 -7.59 5.94 20.00
CA THR A 47 -8.60 5.49 20.89
C THR A 47 -8.00 4.80 22.11
N THR A 48 -8.60 5.07 23.26
CA THR A 48 -8.15 4.56 24.56
C THR A 48 -8.15 3.06 24.64
N ASP A 49 -9.14 2.47 24.00
CA ASP A 49 -9.27 1.05 23.78
C ASP A 49 -8.24 0.57 22.77
N GLN A 50 -7.86 1.44 21.84
CA GLN A 50 -7.00 1.04 20.72
C GLN A 50 -7.64 -0.11 19.94
N ALA A 51 -8.93 0.08 19.65
CA ALA A 51 -9.84 -0.86 18.96
C ALA A 51 -9.63 -0.93 17.49
N LYS A 52 -10.31 -1.89 16.86
CA LYS A 52 -10.12 -2.03 15.42
C LYS A 52 -10.57 -0.78 14.68
N GLN A 53 -11.80 -0.33 14.93
CA GLN A 53 -12.35 0.84 14.24
C GLN A 53 -11.49 2.08 14.49
N LEU A 54 -11.17 2.79 13.41
CA LEU A 54 -10.47 4.07 13.55
C LEU A 54 -11.27 5.02 14.44
N GLY A 55 -10.55 5.86 15.17
CA GLY A 55 -11.22 6.92 15.90
C GLY A 55 -11.72 8.02 14.98
N ARG A 56 -12.11 9.12 15.59
CA ARG A 56 -12.63 10.26 14.86
C ARG A 56 -11.65 10.70 13.79
N ILE A 57 -12.15 10.90 12.57
CA ILE A 57 -11.31 11.35 11.48
C ILE A 57 -10.85 12.77 11.74
N SER A 58 -9.54 13.00 11.66
CA SER A 58 -8.95 14.32 11.82
C SER A 58 -8.43 14.90 10.51
N LEU A 59 -7.66 14.11 9.76
CA LEU A 59 -7.22 14.51 8.43
C LEU A 59 -7.58 13.43 7.42
N VAL A 60 -7.80 13.83 6.18
CA VAL A 60 -7.71 12.95 5.03
C VAL A 60 -6.62 13.54 4.15
N GLN A 61 -5.73 12.68 3.65
CA GLN A 61 -4.61 13.10 2.83
C GLN A 61 -4.80 12.60 1.41
N ALA A 62 -4.43 13.43 0.42
CA ALA A 62 -4.58 13.07 -0.98
C ALA A 62 -3.39 13.54 -1.80
N CYS A 63 -2.89 12.65 -2.65
CA CYS A 63 -1.80 12.96 -3.56
C CYS A 63 -2.11 12.31 -4.90
N SER A 64 -2.31 13.12 -5.93
CA SER A 64 -2.79 12.66 -7.22
C SER A 64 -1.76 12.95 -8.31
N ASP A 65 -1.97 12.33 -9.47
CA ASP A 65 -1.09 12.51 -10.61
C ASP A 65 -1.45 13.73 -11.46
N ALA A 66 -2.35 14.57 -10.98
CA ALA A 66 -2.72 15.79 -11.71
C ALA A 66 -1.95 17.02 -11.24
N LYS A 67 -1.27 16.97 -10.08
CA LYS A 67 -0.64 18.16 -9.54
C LYS A 67 0.44 17.77 -8.55
N PRO A 68 1.61 18.41 -8.58
CA PRO A 68 2.67 18.05 -7.63
C PRO A 68 2.43 18.63 -6.24
N VAL A 69 1.59 17.94 -5.47
CA VAL A 69 1.24 18.45 -4.15
C VAL A 69 0.56 17.36 -3.31
N VAL A 70 0.67 17.48 -1.98
CA VAL A 70 -0.07 16.64 -1.04
C VAL A 70 -1.11 17.53 -0.36
N PHE A 71 -2.38 17.22 -0.57
CA PHE A 71 -3.46 17.92 0.09
C PHE A 71 -3.70 17.29 1.45
N LEU A 72 -3.68 18.11 2.51
CA LEU A 72 -3.99 17.66 3.86
C LEU A 72 -5.34 18.26 4.23
N PHE A 73 -6.41 17.48 4.05
CA PHE A 73 -7.75 18.00 4.31
C PHE A 73 -8.03 17.94 5.80
N ASP A 74 -8.20 19.11 6.42
CA ASP A 74 -8.51 19.21 7.84
C ASP A 74 -10.02 19.00 7.98
N VAL A 75 -10.40 17.73 8.06
CA VAL A 75 -11.81 17.38 8.22
C VAL A 75 -12.35 17.89 9.55
N LEU A 76 -11.54 17.86 10.61
CA LEU A 76 -11.99 18.34 11.90
C LEU A 76 -12.46 19.79 11.83
N THR A 77 -11.65 20.64 11.20
CA THR A 77 -11.98 22.02 11.01
C THR A 77 -13.08 22.31 9.98
N LEU A 78 -12.96 21.68 8.85
CA LEU A 78 -13.92 21.84 7.81
C LEU A 78 -15.29 21.33 8.19
N THR A 79 -15.30 20.22 8.88
CA THR A 79 -16.38 19.34 9.36
C THR A 79 -16.64 18.30 8.24
N PRO A 80 -17.06 17.12 8.63
CA PRO A 80 -17.33 16.06 7.68
C PRO A 80 -18.40 16.49 6.69
N ASP A 81 -19.40 17.22 7.12
CA ASP A 81 -20.47 17.59 6.20
C ASP A 81 -19.96 18.47 5.06
N VAL A 82 -19.12 19.45 5.37
CA VAL A 82 -18.58 20.32 4.33
C VAL A 82 -17.62 19.54 3.43
N PHE A 83 -16.78 18.69 4.04
CA PHE A 83 -15.79 17.92 3.28
C PHE A 83 -16.46 16.95 2.33
N VAL A 84 -17.42 16.17 2.84
CA VAL A 84 -18.10 15.15 2.04
C VAL A 84 -18.86 15.78 0.88
N LYS A 85 -19.55 16.90 1.13
CA LYS A 85 -20.36 17.51 0.08
C LYS A 85 -19.54 17.80 -1.17
N ASP A 86 -18.31 18.27 -1.00
CA ASP A 86 -17.46 18.56 -2.15
C ASP A 86 -16.65 17.37 -2.64
N MSE A 87 -16.38 16.38 -1.79
CA MSE A 87 -15.56 15.22 -2.19
C MSE A 87 -16.34 14.01 -2.67
O MSE A 87 -15.76 13.09 -3.26
CB MSE A 87 -14.67 14.79 -1.03
CG MSE A 87 -13.58 15.80 -0.71
SE MSE A 87 -12.13 15.77 -2.02
CE MSE A 87 -11.24 14.13 -1.46
N GLN A 88 -17.65 13.98 -2.42
CA GLN A 88 -18.42 12.76 -2.62
C GLN A 88 -18.35 12.27 -4.06
N SER A 89 -18.51 13.17 -5.03
CA SER A 89 -18.62 12.72 -6.41
C SER A 89 -17.28 12.21 -6.93
N LEU A 90 -16.17 12.86 -6.58
CA LEU A 90 -14.90 12.31 -7.05
C LEU A 90 -14.58 11.01 -6.35
N LEU A 91 -14.98 10.84 -5.09
CA LEU A 91 -14.78 9.56 -4.41
C LEU A 91 -15.66 8.46 -5.02
N SER A 92 -16.84 8.81 -5.51
CA SER A 92 -17.75 7.85 -6.15
C SER A 92 -17.47 7.65 -7.63
N ASP A 93 -16.52 8.38 -8.19
CA ASP A 93 -16.28 8.34 -9.61
C ASP A 93 -15.37 7.15 -9.91
N ARG A 94 -15.92 6.09 -10.48
CA ARG A 94 -15.14 4.89 -10.71
C ARG A 94 -14.06 5.08 -11.77
N GLU A 95 -14.11 6.17 -12.55
CA GLU A 95 -13.07 6.39 -13.53
C GLU A 95 -11.82 7.04 -12.94
N ILE A 96 -11.84 7.43 -11.67
CA ILE A 96 -10.67 7.93 -10.98
C ILE A 96 -10.24 6.87 -9.96
N ARG A 97 -9.03 6.33 -10.15
CA ARG A 97 -8.53 5.29 -9.26
C ARG A 97 -8.14 5.91 -7.92
N LYS A 98 -8.62 5.34 -6.82
CA LYS A 98 -8.22 5.74 -5.48
C LYS A 98 -7.26 4.68 -4.96
N LEU A 99 -6.04 5.10 -4.65
CA LEU A 99 -4.98 4.19 -4.21
C LEU A 99 -4.88 4.20 -2.69
N PHE A 100 -4.79 3.04 -2.08
CA PHE A 100 -4.63 2.85 -0.66
C PHE A 100 -3.51 1.81 -0.36
N PHE A 101 -2.91 1.89 0.81
CA PHE A 101 -2.02 0.84 1.30
C PHE A 101 -2.75 0.32 2.55
N ASP A 102 -3.42 -0.81 2.39
CA ASP A 102 -4.34 -1.44 3.34
C ASP A 102 -5.54 -0.48 3.53
N CYS A 103 -6.59 -0.72 2.81
CA CYS A 103 -7.76 0.10 2.82
C CYS A 103 -8.85 -0.29 3.84
N ARG A 104 -8.63 -1.35 4.56
CA ARG A 104 -9.73 -1.97 5.31
C ARG A 104 -10.33 -0.99 6.32
N ARG A 105 -9.53 -0.47 7.25
CA ARG A 105 -10.07 0.38 8.30
C ARG A 105 -10.40 1.77 7.78
N ASP A 106 -9.65 2.26 6.79
CA ASP A 106 -9.96 3.53 6.14
C ASP A 106 -11.33 3.47 5.49
N VAL A 107 -11.59 2.42 4.72
CA VAL A 107 -12.89 2.29 4.05
C VAL A 107 -14.00 2.25 5.09
N GLU A 108 -13.81 1.50 6.17
CA GLU A 108 -14.81 1.44 7.21
C GLU A 108 -15.06 2.82 7.82
N ALA A 109 -14.01 3.61 8.00
CA ALA A 109 -14.18 4.95 8.56
C ALA A 109 -14.88 5.88 7.58
N LEU A 110 -14.53 5.82 6.29
CA LEU A 110 -15.25 6.61 5.30
C LEU A 110 -16.74 6.27 5.29
N SER A 111 -17.07 4.98 5.34
CA SER A 111 -18.46 4.55 5.34
C SER A 111 -19.18 4.97 6.61
N CYS A 112 -18.60 4.70 7.78
CA CYS A 112 -19.28 4.97 9.05
C CYS A 112 -19.35 6.46 9.35
N GLN A 113 -18.22 7.15 9.23
CA GLN A 113 -18.13 8.53 9.69
C GLN A 113 -18.52 9.54 8.63
N LEU A 114 -18.22 9.27 7.36
CA LEU A 114 -18.51 10.23 6.31
C LEU A 114 -19.71 9.83 5.47
N GLY A 115 -20.19 8.60 5.59
CA GLY A 115 -21.32 8.17 4.80
C GLY A 115 -21.01 7.93 3.33
N VAL A 116 -19.75 7.68 2.97
CA VAL A 116 -19.35 7.53 1.57
C VAL A 116 -18.64 6.20 1.36
N LYS A 117 -18.92 5.56 0.23
CA LYS A 117 -18.21 4.38 -0.21
C LYS A 117 -17.40 4.71 -1.46
N PRO A 118 -16.07 4.67 -1.43
CA PRO A 118 -15.31 5.02 -2.63
C PRO A 118 -15.44 3.94 -3.69
N GLU A 119 -15.38 4.37 -4.95
CA GLU A 119 -15.45 3.48 -6.10
C GLU A 119 -14.17 3.61 -6.89
N GLY A 120 -13.80 2.54 -7.58
CA GLY A 120 -12.52 2.50 -8.28
C GLY A 120 -11.31 2.43 -7.36
N VAL A 121 -11.36 1.63 -6.32
CA VAL A 121 -10.27 1.52 -5.36
C VAL A 121 -9.26 0.48 -5.84
N LEU A 122 -7.97 0.76 -5.60
CA LEU A 122 -6.91 -0.23 -5.75
C LEU A 122 -6.05 -0.22 -4.48
N ASP A 123 -5.93 -1.38 -3.82
CA ASP A 123 -5.17 -1.53 -2.57
C ASP A 123 -3.77 -2.09 -2.89
N LEU A 124 -2.73 -1.25 -2.73
CA LEU A 124 -1.38 -1.64 -3.13
C LEU A 124 -0.75 -2.66 -2.18
N GLN A 125 -1.17 -2.68 -0.90
CA GLN A 125 -0.69 -3.75 -0.04
C GLN A 125 -1.25 -5.08 -0.50
N VAL A 126 -2.52 -5.10 -0.88
CA VAL A 126 -3.15 -6.30 -1.44
C VAL A 126 -2.49 -6.68 -2.77
N PHE A 127 -2.16 -5.68 -3.60
CA PHE A 127 -1.42 -5.92 -4.84
C PHE A 127 -0.12 -6.69 -4.59
N PHE A 128 0.70 -6.22 -3.65
CA PHE A 128 1.96 -6.89 -3.35
C PHE A 128 1.73 -8.33 -2.88
N THR A 129 0.72 -8.54 -2.05
CA THR A 129 0.40 -9.90 -1.62
C THR A 129 -0.08 -10.76 -2.78
N ALA A 130 -0.87 -10.18 -3.70
CA ALA A 130 -1.30 -10.95 -4.86
C ALA A 130 -0.11 -11.43 -5.68
N ILE A 131 0.93 -10.62 -5.79
CA ILE A 131 2.14 -11.05 -6.48
C ILE A 131 2.82 -12.16 -5.70
N GLN A 132 2.93 -11.99 -4.37
CA GLN A 132 3.49 -13.03 -3.52
C GLN A 132 2.68 -14.33 -3.62
N TRP A 133 1.37 -14.22 -3.78
CA TRP A 133 0.55 -15.41 -3.96
C TRP A 133 0.81 -16.06 -5.32
N LYS A 134 0.76 -15.28 -6.39
CA LYS A 134 0.98 -15.83 -7.73
C LYS A 134 2.35 -16.51 -7.86
N LEU A 135 3.36 -15.98 -7.19
CA LEU A 135 4.72 -16.48 -7.35
C LEU A 135 5.13 -17.49 -6.30
N ARG A 136 4.56 -17.43 -5.09
CA ARG A 136 5.07 -18.19 -3.95
C ARG A 136 4.03 -18.85 -3.07
N SER A 137 2.74 -18.70 -3.39
CA SER A 137 1.66 -19.16 -2.50
C SER A 137 1.74 -18.53 -1.11
N VAL A 138 2.31 -17.35 -1.01
CA VAL A 138 2.32 -16.60 0.25
C VAL A 138 1.16 -15.61 0.25
N ASN A 139 0.35 -15.65 1.32
CA ASN A 139 -0.78 -14.74 1.48
C ASN A 139 -0.54 -13.70 2.57
N ARG A 140 0.70 -13.48 2.97
CA ARG A 140 0.99 -12.53 4.04
C ARG A 140 0.96 -11.11 3.52
N ARG A 141 0.51 -10.20 4.39
CA ARG A 141 0.57 -8.77 4.12
C ARG A 141 1.90 -8.23 4.63
N SER A 142 2.54 -7.40 3.81
CA SER A 142 3.81 -6.78 4.17
C SER A 142 3.58 -5.30 4.44
N GLY A 143 4.42 -4.73 5.33
CA GLY A 143 4.34 -3.32 5.67
C GLY A 143 4.90 -2.44 4.59
N MSE A 144 4.61 -1.15 4.71
CA MSE A 144 5.01 -0.16 3.71
C MSE A 144 6.53 -0.15 3.43
O MSE A 144 6.97 -0.10 2.28
CB MSE A 144 4.55 1.22 4.15
CG MSE A 144 5.02 2.34 3.24
SE MSE A 144 4.15 2.26 1.51
CE MSE A 144 2.55 3.25 2.04
N GLY A 145 7.33 -0.19 4.51
CA GLY A 145 8.77 -0.15 4.34
C GLY A 145 9.29 -1.34 3.55
N TYR A 146 8.79 -2.53 3.85
CA TYR A 146 9.20 -3.73 3.12
C TYR A 146 8.79 -3.65 1.65
N VAL A 147 7.59 -3.13 1.37
CA VAL A 147 7.12 -3.07 -0.01
C VAL A 147 7.88 -2.03 -0.81
N LEU A 148 8.17 -0.87 -0.22
CA LEU A 148 8.96 0.16 -0.91
C LEU A 148 10.34 -0.37 -1.27
N LYS A 149 10.99 -1.09 -0.34
CA LYS A 149 12.31 -1.65 -0.62
C LYS A 149 12.24 -2.74 -1.68
N SER A 150 11.24 -3.61 -1.59
CA SER A 150 11.18 -4.75 -2.51
C SER A 150 10.77 -4.31 -3.91
N VAL A 151 9.89 -3.32 -4.00
CA VAL A 151 9.35 -2.93 -5.29
C VAL A 151 10.15 -1.79 -5.90
N ALA A 152 10.46 -0.77 -5.12
CA ALA A 152 11.11 0.44 -5.63
C ALA A 152 12.58 0.53 -5.27
N GLY A 153 13.07 -0.29 -4.34
CA GLY A 153 14.44 -0.19 -3.87
C GLY A 153 14.69 0.94 -2.88
N LEU A 154 13.67 1.72 -2.52
CA LEU A 154 13.87 2.85 -1.64
C LEU A 154 13.82 2.42 -0.18
N THR A 155 14.68 3.03 0.64
CA THR A 155 14.60 2.88 2.08
C THR A 155 13.72 4.01 2.61
N ARG A 156 12.59 3.64 3.19
CA ARG A 156 11.61 4.60 3.65
C ARG A 156 12.18 5.42 4.81
N GLN A 157 12.20 6.74 4.66
CA GLN A 157 12.43 7.61 5.80
C GLN A 157 11.30 7.43 6.81
N GLU A 158 11.64 7.13 8.06
CA GLU A 158 10.62 6.87 9.06
C GLU A 158 10.06 8.18 9.61
N GLY A 159 8.81 8.12 10.08
CA GLY A 159 8.17 9.29 10.61
C GLY A 159 8.86 9.79 11.87
N ASP A 160 8.47 10.99 12.28
CA ASP A 160 8.97 11.54 13.53
C ASP A 160 8.63 10.61 14.68
N SER A 161 9.66 10.25 15.47
CA SER A 161 9.49 9.24 16.51
C SER A 161 8.59 9.74 17.64
N ALA A 162 8.51 11.05 17.85
CA ALA A 162 7.63 11.56 18.91
C ALA A 162 6.18 11.41 18.48
N VAL A 163 5.88 11.76 17.23
CA VAL A 163 4.57 11.51 16.67
C VAL A 163 4.23 10.02 16.75
N GLN A 164 5.21 9.15 16.49
CA GLN A 164 4.95 7.70 16.51
C GLN A 164 4.76 7.20 17.93
N THR A 165 5.55 7.71 18.88
CA THR A 165 5.42 7.32 20.29
C THR A 165 4.03 7.66 20.82
N ALA A 166 3.58 8.89 20.57
CA ALA A 166 2.25 9.33 21.02
C ALA A 166 1.16 8.38 20.55
N MSE A 167 1.19 8.02 19.27
CA MSE A 167 0.17 7.17 18.68
C MSE A 167 0.21 5.76 19.24
O MSE A 167 -0.84 5.11 19.40
CB MSE A 167 0.35 7.10 17.16
CG MSE A 167 0.02 8.38 16.43
SE MSE A 167 0.33 8.17 14.51
CE MSE A 167 0.77 9.94 14.17
N THR A 168 1.42 5.27 19.53
CA THR A 168 1.54 3.94 20.11
C THR A 168 1.04 3.94 21.55
N LEU A 169 1.33 5.01 22.30
CA LEU A 169 0.80 5.14 23.65
C LEU A 169 -0.73 5.19 23.63
N GLY A 170 -1.29 6.08 22.81
CA GLY A 170 -2.72 6.10 22.59
C GLY A 170 -3.54 6.39 23.84
N ASN A 171 -3.02 7.21 24.74
CA ASN A 171 -3.75 7.61 25.93
C ASN A 171 -4.36 8.99 25.77
N ARG A 172 -4.13 9.57 24.63
CA ARG A 172 -4.68 10.82 24.24
C ARG A 172 -5.04 10.79 22.74
N PRO A 173 -5.89 11.69 22.29
CA PRO A 173 -6.33 11.69 20.91
C PRO A 173 -5.23 11.91 19.94
N VAL A 174 -4.28 12.77 20.27
CA VAL A 174 -3.12 13.17 19.49
C VAL A 174 -3.41 14.09 18.31
N TRP A 175 -4.28 13.65 17.41
CA TRP A 175 -4.60 14.38 16.23
C TRP A 175 -5.68 15.47 16.42
N ASP A 176 -6.12 15.71 17.64
CA ASP A 176 -7.11 16.76 17.87
C ASP A 176 -6.51 18.16 17.91
N ILE A 177 -5.18 18.26 18.06
CA ILE A 177 -4.53 19.53 18.33
C ILE A 177 -4.63 20.45 17.11
N ARG A 178 -4.99 21.71 17.36
CA ARG A 178 -5.03 22.71 16.29
C ARG A 178 -4.37 23.99 16.82
N PRO A 179 -3.46 24.61 16.07
CA PRO A 179 -2.95 24.11 14.78
C PRO A 179 -2.06 22.88 14.93
N LEU A 180 -1.92 22.12 13.85
CA LEU A 180 -1.05 20.96 13.92
C LEU A 180 0.40 21.41 13.80
N PRO A 181 1.30 20.94 14.68
CA PRO A 181 2.73 21.21 14.49
C PRO A 181 3.23 20.69 13.16
N ASP A 182 4.32 21.31 12.68
CA ASP A 182 4.87 20.98 11.37
C ASP A 182 5.23 19.50 11.27
N HIS A 183 5.81 18.91 12.33
CA HIS A 183 6.22 17.51 12.21
C HIS A 183 5.01 16.57 12.23
N PHE A 184 3.85 17.05 12.67
CA PHE A 184 2.63 16.28 12.49
C PHE A 184 2.16 16.34 11.05
N LEU A 185 2.18 17.53 10.44
CA LEU A 185 1.81 17.67 9.04
C LEU A 185 2.74 16.87 8.15
N GLU A 186 4.06 16.98 8.37
CA GLU A 186 5.02 16.17 7.63
C GLU A 186 4.73 14.68 7.78
N TYR A 187 4.51 14.22 9.03
CA TYR A 187 4.14 12.83 9.24
C TYR A 187 2.90 12.47 8.42
N ALA A 188 1.89 13.33 8.44
CA ALA A 188 0.64 13.02 7.76
C ALA A 188 0.82 12.95 6.24
N ALA A 189 1.77 13.71 5.69
CA ALA A 189 1.90 13.75 4.24
C ALA A 189 2.70 12.59 3.67
N GLY A 190 3.40 11.82 4.51
CA GLY A 190 4.42 10.93 4.00
C GLY A 190 3.86 9.76 3.21
N ASP A 191 2.81 9.12 3.72
CA ASP A 191 2.40 7.86 3.14
C ASP A 191 1.75 8.03 1.77
N VAL A 192 1.01 9.13 1.55
CA VAL A 192 0.35 9.23 0.25
C VAL A 192 1.39 9.46 -0.85
N ARG A 193 2.52 10.12 -0.54
CA ARG A 193 3.63 10.17 -1.50
C ARG A 193 4.11 8.77 -1.86
N HIS A 194 4.35 7.95 -0.83
CA HIS A 194 4.82 6.59 -1.03
C HIS A 194 3.83 5.77 -1.85
N ILE A 195 2.53 5.99 -1.63
CA ILE A 195 1.51 5.22 -2.33
C ILE A 195 1.46 5.58 -3.80
N LEU A 196 1.45 6.88 -4.13
CA LEU A 196 1.47 7.29 -5.53
C LEU A 196 2.73 6.79 -6.23
N LEU A 197 3.88 6.93 -5.57
CA LEU A 197 5.13 6.40 -6.12
C LEU A 197 5.03 4.90 -6.36
N LEU A 198 4.46 4.15 -5.42
CA LEU A 198 4.35 2.70 -5.60
C LEU A 198 3.48 2.35 -6.79
N SER A 199 2.38 3.10 -7.02
CA SER A 199 1.53 2.75 -8.14
C SER A 199 2.28 2.83 -9.47
N ASN A 200 3.33 3.67 -9.54
CA ASN A 200 4.12 3.76 -10.77
C ASN A 200 4.83 2.45 -11.09
N TYR A 201 5.23 1.71 -10.06
CA TYR A 201 5.91 0.44 -10.28
C TYR A 201 4.94 -0.70 -10.48
N LEU A 202 3.74 -0.64 -9.90
CA LEU A 202 2.82 -1.76 -9.94
C LEU A 202 1.78 -1.67 -11.04
N VAL A 203 1.44 -0.47 -11.50
CA VAL A 203 0.36 -0.24 -12.44
C VAL A 203 0.93 0.07 -13.82
N GLY A 204 0.47 -0.66 -14.83
CA GLY A 204 0.95 -0.46 -16.19
C GLY A 204 2.35 -0.98 -16.43
N ASN A 205 2.75 -2.02 -15.69
CA ASN A 205 4.11 -2.55 -15.73
C ASN A 205 4.06 -3.96 -16.29
N LYS A 206 4.73 -4.19 -17.41
CA LYS A 206 4.74 -5.48 -18.10
C LYS A 206 5.30 -6.56 -17.26
N ASP A 207 6.27 -6.22 -16.46
CA ASP A 207 6.96 -7.21 -15.64
C ASP A 207 6.19 -7.60 -14.39
N VAL A 208 5.06 -6.97 -14.09
CA VAL A 208 4.28 -7.34 -12.91
C VAL A 208 3.41 -8.54 -13.31
N PRO A 209 3.54 -9.68 -12.62
CA PRO A 209 2.92 -10.93 -13.07
C PRO A 209 1.44 -11.08 -12.74
N VAL A 210 0.76 -9.99 -12.35
CA VAL A 210 -0.65 -10.02 -11.98
C VAL A 210 -1.33 -8.83 -12.68
N ASP A 211 -2.47 -9.07 -13.31
CA ASP A 211 -3.22 -8.00 -13.95
C ASP A 211 -3.77 -7.02 -12.91
N VAL A 212 -3.64 -5.73 -13.21
CA VAL A 212 -4.19 -4.68 -12.35
C VAL A 212 -5.69 -4.86 -12.18
N VAL A 213 -6.39 -5.24 -13.27
CA VAL A 213 -7.84 -5.42 -13.21
C VAL A 213 -8.20 -6.48 -12.18
N ALA A 214 -7.39 -7.52 -12.05
CA ALA A 214 -7.69 -8.59 -11.11
C ALA A 214 -7.51 -8.12 -9.66
N VAL A 215 -6.53 -7.25 -9.41
CA VAL A 215 -6.36 -6.66 -8.09
C VAL A 215 -7.40 -5.57 -7.85
N GLU A 216 -7.95 -4.98 -8.91
CA GLU A 216 -9.08 -4.09 -8.71
C GLU A 216 -10.30 -4.86 -8.25
N ARG A 217 -10.53 -6.04 -8.83
CA ARG A 217 -11.66 -6.87 -8.44
C ARG A 217 -11.48 -7.42 -7.03
N LEU A 218 -10.26 -7.83 -6.68
CA LEU A 218 -10.01 -8.29 -5.33
C LEU A 218 -10.20 -7.16 -4.33
N THR A 219 -9.66 -5.97 -4.64
CA THR A 219 -9.85 -4.81 -3.76
C THR A 219 -11.33 -4.49 -3.58
N ALA A 220 -12.11 -4.58 -4.66
CA ALA A 220 -13.54 -4.32 -4.54
C ALA A 220 -14.21 -5.25 -3.54
N GLN A 221 -13.76 -6.50 -3.44
CA GLN A 221 -14.29 -7.37 -2.38
C GLN A 221 -14.04 -6.78 -1.01
N TYR A 222 -12.87 -6.14 -0.81
CA TYR A 222 -12.57 -5.55 0.49
C TYR A 222 -13.44 -4.32 0.74
N VAL A 223 -13.66 -3.50 -0.29
CA VAL A 223 -14.50 -2.32 -0.12
C VAL A 223 -15.92 -2.74 0.22
N GLU A 224 -16.45 -3.74 -0.49
CA GLU A 224 -17.80 -4.21 -0.21
C GLU A 224 -17.90 -4.78 1.21
N HIS A 225 -16.85 -5.46 1.68
CA HIS A 225 -16.88 -6.04 3.02
C HIS A 225 -16.82 -4.97 4.10
N TYR A 226 -16.09 -3.88 3.87
CA TYR A 226 -15.79 -2.93 4.94
C TYR A 226 -16.58 -1.63 4.87
N ALA A 227 -17.28 -1.36 3.78
CA ALA A 227 -18.14 -0.17 3.67
C ALA A 227 -19.57 -0.63 3.79
N VAL A 228 -20.07 -0.77 5.02
CA VAL A 228 -21.42 -1.28 5.20
C VAL A 228 -22.21 -0.37 6.13
N GLY A 229 -21.73 0.86 6.34
CA GLY A 229 -22.44 1.86 7.12
C GLY A 229 -22.48 1.61 8.60
N LYS A 230 -21.73 0.63 9.09
CA LYS A 230 -21.69 0.25 10.50
C LYS A 230 -20.37 -0.45 10.75
N PRO A 231 -19.92 -0.51 12.00
CA PRO A 231 -18.62 -1.17 12.26
C PRO A 231 -18.67 -2.64 11.86
N VAL A 232 -17.57 -3.09 11.27
CA VAL A 232 -17.44 -4.47 10.80
C VAL A 232 -17.08 -5.36 11.98
N ILE A 233 -17.82 -6.46 12.16
CA ILE A 233 -17.55 -7.40 13.25
C ILE A 233 -16.64 -8.51 12.76
N THR A 234 -17.06 -9.22 11.72
CA THR A 234 -16.31 -10.34 11.16
C THR A 234 -15.33 -9.85 10.11
N GLU A 235 -14.04 -10.10 10.33
CA GLU A 235 -13.01 -9.66 9.40
C GLU A 235 -12.98 -10.53 8.13
N ALA A 236 -12.49 -9.93 7.04
CA ALA A 236 -12.43 -10.67 5.78
C ALA A 236 -11.29 -11.67 5.78
N ASP A 237 -10.28 -11.45 6.61
CA ASP A 237 -9.06 -12.25 6.63
C ASP A 237 -8.94 -13.00 7.96
N ALA A 238 -8.29 -14.16 7.92
CA ALA A 238 -8.24 -15.03 9.10
C ALA A 238 -7.46 -14.39 10.24
N THR A 239 -6.41 -13.64 9.93
CA THR A 239 -5.69 -12.79 10.86
C THR A 239 -5.46 -11.44 10.19
N PRO A 240 -5.20 -10.40 10.96
CA PRO A 240 -5.04 -9.07 10.36
C PRO A 240 -3.93 -9.00 9.32
N ALA A 241 -2.88 -9.81 9.44
CA ALA A 241 -1.69 -9.66 8.61
C ALA A 241 -1.70 -10.59 7.40
N GLU A 242 -2.86 -11.00 6.90
CA GLU A 242 -2.89 -11.87 5.73
C GLU A 242 -4.07 -11.52 4.84
N VAL A 243 -4.11 -12.15 3.67
CA VAL A 243 -5.17 -11.93 2.68
C VAL A 243 -5.92 -13.24 2.51
N ASN A 244 -7.25 -13.18 2.66
CA ASN A 244 -8.17 -14.31 2.46
C ASN A 244 -7.74 -15.19 1.29
N ARG A 245 -7.44 -16.46 1.58
CA ARG A 245 -6.91 -17.36 0.55
C ARG A 245 -7.97 -17.68 -0.50
N ALA A 246 -9.22 -17.81 -0.10
CA ALA A 246 -10.26 -18.12 -1.07
C ALA A 246 -10.44 -16.97 -2.05
N TRP A 247 -10.27 -15.72 -1.56
CA TRP A 247 -10.36 -14.56 -2.44
C TRP A 247 -9.18 -14.51 -3.40
N LEU A 248 -7.97 -14.86 -2.91
CA LEU A 248 -6.82 -14.93 -3.81
C LEU A 248 -7.03 -15.98 -4.90
N GLU A 249 -7.53 -17.17 -4.53
CA GLU A 249 -7.74 -18.21 -5.54
C GLU A 249 -8.74 -17.77 -6.59
N ARG A 250 -9.79 -17.04 -6.16
CA ARG A 250 -10.85 -16.67 -7.09
C ARG A 250 -10.40 -15.57 -8.04
N TYR A 251 -9.71 -14.55 -7.53
CA TYR A 251 -9.38 -13.39 -8.35
C TYR A 251 -7.96 -13.41 -8.91
N ILE A 252 -7.00 -14.04 -8.23
CA ILE A 252 -5.63 -14.09 -8.74
C ILE A 252 -5.33 -15.44 -9.39
N GLY A 253 -5.89 -16.52 -8.85
CA GLY A 253 -5.64 -17.82 -9.39
C GLY A 253 -4.90 -18.70 -8.41
N PRO A 254 -4.51 -19.89 -8.87
CA PRO A 254 -3.74 -20.81 -8.01
C PRO A 254 -2.45 -20.16 -7.54
N GLY A 255 -2.05 -20.51 -6.32
CA GLY A 255 -0.77 -20.05 -5.83
C GLY A 255 0.39 -20.72 -6.56
N GLY A 256 1.52 -20.02 -6.62
CA GLY A 256 2.70 -20.54 -7.29
C GLY A 256 3.72 -21.14 -6.33
N GLY A 257 4.84 -21.56 -6.91
CA GLY A 257 5.91 -22.16 -6.15
C GLY A 257 7.16 -22.27 -6.99
N CYS A 258 8.20 -22.83 -6.40
CA CYS A 258 9.51 -22.86 -7.02
C CYS A 258 9.52 -23.84 -8.20
N HIS A 259 9.89 -23.36 -9.38
CA HIS A 259 9.91 -24.23 -10.54
C HIS A 259 11.07 -25.21 -10.49
N PHE A 260 12.07 -24.95 -9.64
CA PHE A 260 13.25 -25.79 -9.62
C PHE A 260 13.10 -26.97 -8.65
N CYS A 261 12.61 -26.72 -7.43
CA CYS A 261 12.45 -27.79 -6.45
C CYS A 261 10.99 -28.15 -6.16
N GLY A 262 10.02 -27.34 -6.60
CA GLY A 262 8.63 -27.67 -6.41
C GLY A 262 7.99 -27.12 -5.16
N ALA A 263 8.78 -26.58 -4.23
CA ALA A 263 8.25 -26.13 -2.95
C ALA A 263 7.50 -24.80 -3.08
N LYS A 264 6.40 -24.66 -2.34
CA LYS A 264 5.80 -23.33 -2.20
C LYS A 264 6.66 -22.46 -1.29
N GLY A 265 6.44 -21.15 -1.38
CA GLY A 265 7.09 -20.21 -0.49
C GLY A 265 8.27 -19.47 -1.07
N HIS A 266 8.84 -19.90 -2.18
CA HIS A 266 9.94 -19.15 -2.79
C HIS A 266 9.95 -19.40 -4.29
N THR A 267 10.69 -18.58 -5.00
CA THR A 267 10.85 -18.75 -6.43
C THR A 267 12.20 -19.37 -6.73
N GLU A 268 12.36 -19.77 -7.98
CA GLU A 268 13.58 -20.43 -8.38
C GLU A 268 14.78 -19.49 -8.25
N ALA A 269 14.58 -18.19 -8.46
CA ALA A 269 15.66 -17.22 -8.22
C ALA A 269 16.11 -17.22 -6.76
N GLU A 270 15.24 -17.61 -5.84
CA GLU A 270 15.58 -17.63 -4.42
C GLU A 270 15.96 -19.02 -3.92
N CYS A 271 16.02 -20.01 -4.81
CA CYS A 271 16.10 -21.40 -4.39
C CYS A 271 17.51 -21.75 -3.94
N PHE A 272 17.66 -22.16 -2.68
CA PHE A 272 18.98 -22.58 -2.23
C PHE A 272 19.43 -23.85 -2.94
N LYS A 273 18.52 -24.79 -3.15
CA LYS A 273 18.88 -26.04 -3.81
C LYS A 273 19.43 -25.77 -5.21
N LYS A 274 18.84 -24.81 -5.93
CA LYS A 274 19.34 -24.49 -7.27
C LYS A 274 20.77 -23.97 -7.23
N GLN A 275 21.01 -22.94 -6.42
CA GLN A 275 22.35 -22.34 -6.38
C GLN A 275 23.38 -23.34 -5.87
N ASN A 276 23.08 -23.99 -4.74
CA ASN A 276 24.01 -24.93 -4.13
C ASN A 276 24.28 -26.15 -5.01
N GLY A 277 23.35 -26.48 -5.91
CA GLY A 277 23.56 -27.63 -6.78
C GLY A 277 24.36 -27.37 -8.03
N LYS A 278 24.69 -26.12 -8.34
CA LYS A 278 25.46 -25.83 -9.54
C LYS A 278 26.87 -26.38 -9.40
N ALA A 279 27.46 -26.79 -10.52
CA ALA A 279 28.85 -27.20 -10.52
C ALA A 279 29.74 -26.03 -10.11
N LYS A 280 30.67 -26.28 -9.20
CA LYS A 280 31.62 -25.28 -8.73
C LYS A 280 33.02 -25.89 -8.80
N CYS A 281 33.91 -25.25 -9.54
CA CYS A 281 35.20 -25.84 -9.85
C CYS A 281 36.09 -25.89 -8.61
N SER A 282 36.51 -27.10 -8.23
CA SER A 282 37.35 -27.24 -7.06
C SER A 282 38.74 -26.63 -7.26
N PHE A 283 39.14 -26.36 -8.50
CA PHE A 283 40.49 -25.85 -8.74
C PHE A 283 40.55 -24.33 -8.85
N CYS A 284 39.58 -23.70 -9.54
CA CYS A 284 39.59 -22.25 -9.71
C CYS A 284 38.41 -21.57 -9.02
N GLY A 285 37.45 -22.32 -8.51
CA GLY A 285 36.36 -21.77 -7.73
C GLY A 285 35.19 -21.23 -8.52
N GLU A 286 35.28 -21.18 -9.84
CA GLU A 286 34.20 -20.62 -10.66
C GLU A 286 32.97 -21.51 -10.63
N VAL A 287 31.79 -20.89 -10.54
CA VAL A 287 30.55 -21.63 -10.74
C VAL A 287 30.37 -21.91 -12.22
N GLY A 288 29.90 -23.12 -12.54
CA GLY A 288 29.53 -23.47 -13.89
C GLY A 288 30.32 -24.61 -14.51
N HIS A 289 31.50 -24.97 -13.97
CA HIS A 289 32.25 -26.09 -14.53
C HIS A 289 32.94 -26.87 -13.41
N THR A 290 33.27 -28.12 -13.70
CA THR A 290 33.93 -29.01 -12.76
C THR A 290 35.43 -29.01 -13.01
N ALA A 291 36.19 -29.41 -12.00
CA ALA A 291 37.65 -29.40 -12.16
C ALA A 291 38.10 -30.27 -13.32
N ARG A 292 37.40 -31.37 -13.58
CA ARG A 292 37.74 -32.24 -14.70
C ARG A 292 37.69 -31.49 -16.03
N ASN A 293 36.84 -30.49 -16.12
CA ASN A 293 36.68 -29.71 -17.35
C ASN A 293 37.33 -28.32 -17.25
N CYS A 294 38.18 -28.09 -16.25
CA CYS A 294 38.76 -26.76 -16.05
C CYS A 294 39.98 -26.57 -16.96
N PHE A 295 39.89 -25.56 -17.84
CA PHE A 295 41.02 -25.20 -18.69
C PHE A 295 42.25 -24.76 -17.89
N LYS A 296 42.04 -24.17 -16.71
CA LYS A 296 43.18 -23.74 -15.89
C LYS A 296 43.93 -24.93 -15.31
N LYS A 297 43.20 -25.94 -14.82
CA LYS A 297 43.85 -27.13 -14.30
C LYS A 297 44.40 -28.01 -15.40
N HIS A 298 43.79 -27.97 -16.58
CA HIS A 298 44.07 -28.90 -17.68
C HIS A 298 44.31 -28.11 -18.95
N PRO A 299 45.48 -27.48 -19.09
CA PRO A 299 45.74 -26.69 -20.29
C PRO A 299 45.66 -27.47 -21.59
N GLN A 300 45.79 -28.79 -21.54
CA GLN A 300 45.64 -29.64 -22.74
C GLN A 300 44.24 -29.60 -23.32
N LEU A 301 43.38 -28.68 -22.84
CA LEU A 301 42.02 -28.53 -23.32
C LEU A 301 41.75 -27.21 -24.03
N LEU A 302 42.58 -26.20 -23.83
CA LEU A 302 42.39 -24.90 -24.48
C LEU A 302 42.46 -25.02 -25.99
ZN ZN B . 38.07 -24.18 -13.06
ZN ZN C . 13.25 -24.22 -4.75
#